data_6R3U
#
_entry.id   6R3U
#
_cell.length_a   78.114
_cell.length_b   112.334
_cell.length_c   174.135
_cell.angle_alpha   90.000
_cell.angle_beta   90.000
_cell.angle_gamma   90.000
#
_symmetry.space_group_name_H-M   'I 2 2 2'
#
loop_
_entity.id
_entity.type
_entity.pdbx_description
1 polymer 'Glycoside hydrolase family 32'
2 branched beta-D-fructofuranose-(2-6)-beta-D-fructofuranose-(2-6)-beta-D-fructofuranose-(2-6)-beta-D-fructofuranose
3 non-polymer 'ZINC ION'
4 non-polymer GLYCEROL
5 water water
#
_entity_poly.entity_id   1
_entity_poly.type   'polypeptide(L)'
_entity_poly.pdbx_seq_one_letter_code
;MDETDPILTQKNWDGTATYFQSSDEHGFSMYYKPQVGFVGDPMPFYDPVAKDFKVMYLQDYRPNPEATYHPIFGVATKDG
ATYESLGELISCGGRDEQDAAIGTGGTIYNPADKLYYTFYTGNKFKPSSDQNAQVVMVATSPDFKTWTKNRTFYLKGDTY
GYDKNDFRDPFLFQTEDGVYHMLIATRKNGKGHIAEFTSADLKEWESAGTFMTMMWDRFYACPDVFKMGDWWYLIYSEQA
SFMRKVQYFKGRTLEDLKATTANDAGIWPDNREGMLDSRAFYAGKTASDGTNRYIWGWCPTRAGNDNGNVGDVEPEWAGN
LVAQRLIQHEDGTLTLGVPDAIDRKYTSAQEVKVMAKDGNMIESGKTYTLGEGASVIFNRLKVHNKISFTVKTASNTDRF
GISFVRGTDSASWYSIHVNADEGKANFEKDGDDAKYLFDNKFNIPADNEYRVTIYSDQSVCVTYINDQLSFTNRIYQMQK
NPWSLCCYKGEITVSDVQVSTYHHHHHH
;
_entity_poly.pdbx_strand_id   A
#
# COMPACT_ATOMS: atom_id res chain seq x y z
N ASP A 14 -5.38 -9.59 -31.15
CA ASP A 14 -5.51 -10.74 -30.26
C ASP A 14 -4.90 -12.00 -30.87
N GLY A 15 -4.57 -11.91 -32.15
CA GLY A 15 -3.93 -13.00 -32.86
C GLY A 15 -2.43 -12.88 -32.95
N THR A 16 -1.84 -11.84 -32.36
CA THR A 16 -0.40 -11.65 -32.36
C THR A 16 0.10 -11.53 -30.92
N ALA A 17 1.37 -11.89 -30.72
CA ALA A 17 1.97 -11.89 -29.40
C ALA A 17 3.27 -11.09 -29.35
N THR A 18 3.46 -10.17 -30.29
CA THR A 18 4.63 -9.30 -30.29
C THR A 18 4.44 -8.17 -29.29
N TYR A 19 5.55 -7.64 -28.80
CA TYR A 19 5.53 -6.57 -27.80
C TYR A 19 4.96 -5.28 -28.37
N PHE A 20 4.07 -4.65 -27.60
CA PHE A 20 3.43 -3.41 -28.01
C PHE A 20 3.73 -2.32 -26.98
N GLN A 21 4.07 -1.12 -27.45
CA GLN A 21 4.48 -0.02 -26.57
C GLN A 21 3.23 0.70 -26.05
N SER A 22 2.59 0.08 -25.06
CA SER A 22 1.39 0.65 -24.46
C SER A 22 1.76 1.78 -23.50
N SER A 23 0.73 2.48 -23.02
CA SER A 23 0.88 3.71 -22.23
C SER A 23 -0.14 3.71 -21.11
N ASP A 24 0.08 4.61 -20.14
CA ASP A 24 -0.88 4.86 -19.06
C ASP A 24 -1.89 5.99 -19.40
N GLU A 25 -1.86 6.47 -20.62
CA GLU A 25 -2.68 7.64 -20.93
C GLU A 25 -4.16 7.31 -20.98
N HIS A 26 -4.50 6.06 -21.31
CA HIS A 26 -5.89 5.65 -21.33
C HIS A 26 -6.59 6.03 -20.04
N GLY A 27 -5.93 5.79 -18.91
CA GLY A 27 -6.47 6.22 -17.64
C GLY A 27 -6.67 5.11 -16.62
N PHE A 28 -6.52 5.47 -15.36
CA PHE A 28 -6.76 4.55 -14.26
C PHE A 28 -8.20 4.63 -13.78
N SER A 29 -8.63 3.57 -13.09
CA SER A 29 -9.95 3.55 -12.49
C SER A 29 -9.85 3.10 -11.02
N MET A 30 -9.62 1.80 -10.80
CA MET A 30 -9.66 1.25 -9.44
CA MET A 30 -9.68 1.30 -9.43
C MET A 30 -8.41 1.58 -8.62
N TYR A 31 -7.26 1.71 -9.24
CA TYR A 31 -6.05 2.11 -8.52
C TYR A 31 -5.82 3.58 -8.86
N TYR A 32 -6.49 4.45 -8.10
CA TYR A 32 -6.77 5.84 -8.49
C TYR A 32 -5.50 6.68 -8.63
N LYS A 33 -5.54 7.59 -9.59
CA LYS A 33 -4.57 8.66 -9.78
C LYS A 33 -5.35 9.90 -10.18
N PRO A 34 -5.01 11.06 -9.66
CA PRO A 34 -5.70 12.29 -10.11
C PRO A 34 -5.24 12.65 -11.52
N GLN A 35 -6.01 13.52 -12.16
CA GLN A 35 -5.71 13.89 -13.54
C GLN A 35 -4.31 14.49 -13.64
N VAL A 36 -3.91 15.29 -12.66
CA VAL A 36 -2.58 15.90 -12.63
C VAL A 36 -1.90 15.46 -11.32
N GLY A 37 -0.64 15.00 -11.43
CA GLY A 37 0.11 14.60 -10.26
C GLY A 37 -0.22 13.19 -9.79
N PHE A 38 0.23 12.89 -8.58
CA PHE A 38 0.23 11.54 -8.06
C PHE A 38 -0.21 11.54 -6.61
N VAL A 39 -0.50 10.33 -6.13
CA VAL A 39 -1.08 10.10 -4.82
C VAL A 39 0.05 9.75 -3.86
N GLY A 40 0.27 10.65 -2.89
CA GLY A 40 1.15 10.38 -1.77
C GLY A 40 0.38 9.83 -0.61
N ASP A 41 1.03 9.86 0.60
CA ASP A 41 0.47 9.16 1.75
C ASP A 41 -1.04 9.38 1.91
N PRO A 42 -1.82 8.31 1.99
CA PRO A 42 -3.27 8.44 2.16
C PRO A 42 -3.69 8.45 3.62
N MET A 43 -4.85 9.04 3.85
CA MET A 43 -5.38 9.26 5.18
CA MET A 43 -5.39 9.26 5.19
C MET A 43 -6.85 8.83 5.18
N PRO A 44 -7.09 7.51 5.22
CA PRO A 44 -8.46 7.01 5.11
C PRO A 44 -9.30 7.20 6.37
N PHE A 45 -10.57 7.37 6.15
CA PHE A 45 -11.49 7.73 7.23
C PHE A 45 -12.87 7.23 6.84
N TYR A 46 -13.53 6.51 7.75
CA TYR A 46 -14.92 6.13 7.53
C TYR A 46 -15.77 7.26 8.07
N ASP A 47 -16.53 7.91 7.18
CA ASP A 47 -17.41 9.02 7.50
C ASP A 47 -18.71 8.45 8.04
N PRO A 48 -18.96 8.50 9.36
CA PRO A 48 -20.15 7.84 9.92
C PRO A 48 -21.45 8.51 9.55
N VAL A 49 -21.43 9.72 8.99
CA VAL A 49 -22.66 10.36 8.54
C VAL A 49 -22.98 10.01 7.10
N ALA A 50 -22.03 10.19 6.19
CA ALA A 50 -22.26 9.83 4.80
C ALA A 50 -22.20 8.33 4.60
N LYS A 51 -21.60 7.58 5.55
CA LYS A 51 -21.50 6.13 5.44
C LYS A 51 -20.68 5.73 4.22
N ASP A 52 -19.55 6.41 4.01
CA ASP A 52 -18.60 6.03 2.98
C ASP A 52 -17.21 6.39 3.49
N PHE A 53 -16.19 6.03 2.71
CA PHE A 53 -14.81 6.32 3.06
C PHE A 53 -14.38 7.61 2.40
N LYS A 54 -13.75 8.48 3.17
CA LYS A 54 -13.06 9.65 2.64
C LYS A 54 -11.57 9.36 2.74
N VAL A 55 -10.87 9.35 1.61
CA VAL A 55 -9.43 9.12 1.62
C VAL A 55 -8.76 10.45 1.24
N MET A 56 -8.38 11.22 2.25
CA MET A 56 -7.45 12.32 2.06
C MET A 56 -6.11 11.78 1.63
N TYR A 57 -5.35 12.56 0.87
CA TYR A 57 -4.01 12.16 0.50
C TYR A 57 -3.17 13.39 0.18
N LEU A 58 -1.85 13.21 0.30
CA LEU A 58 -0.87 14.25 0.00
C LEU A 58 -0.70 14.29 -1.51
N GLN A 59 -1.10 15.39 -2.12
CA GLN A 59 -1.05 15.55 -3.58
C GLN A 59 0.38 15.85 -4.04
N ASP A 60 0.91 14.97 -4.89
CA ASP A 60 2.28 15.11 -5.37
C ASP A 60 2.30 15.63 -6.80
N TYR A 61 3.29 16.49 -7.10
CA TYR A 61 3.55 16.96 -8.45
C TYR A 61 4.99 16.66 -8.80
N ARG A 62 5.26 16.54 -10.10
CA ARG A 62 6.58 16.19 -10.63
C ARG A 62 6.99 17.31 -11.58
N PRO A 63 7.69 18.35 -11.11
CA PRO A 63 8.22 18.60 -9.77
C PRO A 63 7.26 19.32 -8.83
N ASN A 64 7.60 19.36 -7.54
CA ASN A 64 6.83 20.14 -6.58
C ASN A 64 7.42 21.53 -6.46
N PRO A 65 6.65 22.51 -6.00
CA PRO A 65 7.25 23.80 -5.63
C PRO A 65 8.20 23.62 -4.46
N GLU A 66 9.12 24.57 -4.32
N GLU A 66 9.18 24.51 -4.42
CA GLU A 66 10.28 24.39 -3.45
CA GLU A 66 9.97 24.72 -3.21
C GLU A 66 9.87 24.18 -1.99
C GLU A 66 9.05 25.28 -2.12
N ALA A 67 8.96 25.01 -1.48
N ALA A 67 9.26 24.79 -0.90
CA ALA A 67 8.69 25.08 -0.05
CA ALA A 67 8.61 25.35 0.27
C ALA A 67 7.23 24.82 0.31
C ALA A 67 7.17 24.85 0.41
N THR A 68 6.32 25.06 -0.60
CA THR A 68 4.89 24.90 -0.41
C THR A 68 4.46 23.74 -1.29
N TYR A 69 4.37 22.55 -0.69
CA TYR A 69 4.04 21.35 -1.45
C TYR A 69 3.28 20.38 -0.57
N HIS A 70 2.70 19.35 -1.22
CA HIS A 70 1.86 18.33 -0.61
C HIS A 70 0.62 18.86 0.12
N PRO A 71 -0.20 19.66 -0.55
CA PRO A 71 -1.53 19.97 0.02
C PRO A 71 -2.35 18.69 0.13
N ILE A 72 -3.38 18.74 0.97
CA ILE A 72 -4.23 17.57 1.16
C ILE A 72 -5.42 17.63 0.20
N PHE A 73 -5.43 16.70 -0.74
CA PHE A 73 -6.57 16.44 -1.61
C PHE A 73 -7.38 15.27 -1.06
N GLY A 74 -8.48 14.94 -1.71
CA GLY A 74 -9.30 13.83 -1.26
C GLY A 74 -10.06 13.13 -2.36
N VAL A 75 -10.40 11.86 -2.09
CA VAL A 75 -11.33 11.08 -2.90
C VAL A 75 -12.33 10.41 -1.96
N ALA A 76 -13.50 10.10 -2.49
CA ALA A 76 -14.53 9.39 -1.75
C ALA A 76 -14.77 8.05 -2.42
N THR A 77 -15.01 7.03 -1.59
CA THR A 77 -15.35 5.71 -2.11
C THR A 77 -16.20 4.99 -1.10
N LYS A 78 -17.21 4.25 -1.57
CA LYS A 78 -17.94 3.33 -0.71
C LYS A 78 -17.23 2.00 -0.49
N ASP A 79 -16.30 1.62 -1.38
CA ASP A 79 -15.89 0.22 -1.47
C ASP A 79 -14.46 -0.03 -1.92
N GLY A 80 -13.69 1.00 -2.27
CA GLY A 80 -12.32 0.81 -2.66
C GLY A 80 -12.10 0.53 -4.13
N ALA A 81 -13.14 0.56 -4.96
CA ALA A 81 -13.03 0.29 -6.38
C ALA A 81 -13.43 1.49 -7.24
N THR A 82 -14.42 2.27 -6.82
CA THR A 82 -14.90 3.42 -7.56
C THR A 82 -14.65 4.66 -6.73
N TYR A 83 -14.03 5.68 -7.32
CA TYR A 83 -13.59 6.86 -6.61
C TYR A 83 -14.18 8.12 -7.24
N GLU A 84 -14.56 9.07 -6.38
CA GLU A 84 -15.00 10.39 -6.77
C GLU A 84 -13.97 11.37 -6.20
N SER A 85 -13.39 12.19 -7.05
CA SER A 85 -12.43 13.18 -6.58
C SER A 85 -13.11 14.31 -5.83
N LEU A 86 -12.49 14.72 -4.73
CA LEU A 86 -12.97 15.82 -3.91
C LEU A 86 -12.17 17.08 -4.12
N GLY A 87 -11.08 17.01 -4.88
CA GLY A 87 -10.20 18.13 -5.09
C GLY A 87 -9.43 18.52 -3.82
N GLU A 88 -8.94 19.76 -3.85
CA GLU A 88 -8.08 20.28 -2.79
C GLU A 88 -8.92 20.60 -1.57
N LEU A 89 -8.53 20.07 -0.41
CA LEU A 89 -9.30 20.24 0.81
C LEU A 89 -8.58 21.07 1.84
N ILE A 90 -7.31 20.79 2.11
CA ILE A 90 -6.50 21.61 3.00
C ILE A 90 -5.27 22.07 2.21
N SER A 91 -5.20 23.37 1.98
CA SER A 91 -4.16 23.97 1.17
C SER A 91 -2.90 24.19 2.00
N CYS A 92 -1.76 24.27 1.31
CA CYS A 92 -0.51 24.63 1.95
C CYS A 92 -0.60 26.03 2.53
N GLY A 93 0.15 26.26 3.60
CA GLY A 93 0.31 27.60 4.13
C GLY A 93 1.24 28.40 3.26
N GLY A 94 1.44 29.67 3.66
CA GLY A 94 2.39 30.51 2.97
C GLY A 94 3.82 30.00 3.12
N ARG A 95 4.69 30.49 2.23
CA ARG A 95 6.08 30.04 2.20
C ARG A 95 6.76 30.12 3.55
N ASP A 96 6.43 31.11 4.38
CA ASP A 96 7.09 31.30 5.66
C ASP A 96 6.34 30.68 6.83
N GLU A 97 5.18 30.09 6.59
CA GLU A 97 4.36 29.58 7.68
C GLU A 97 4.71 28.15 8.09
N GLN A 98 4.21 27.76 9.27
CA GLN A 98 4.58 26.47 9.84
C GLN A 98 4.14 25.32 8.96
N ASP A 99 3.01 25.44 8.26
CA ASP A 99 2.54 24.41 7.35
C ASP A 99 2.73 24.78 5.89
N ALA A 100 3.86 25.43 5.58
CA ALA A 100 4.21 25.67 4.18
C ALA A 100 4.08 24.38 3.38
N ALA A 101 4.66 23.29 3.89
CA ALA A 101 4.41 21.96 3.36
C ALA A 101 3.62 21.17 4.38
N ILE A 102 2.69 20.35 3.92
CA ILE A 102 1.85 19.53 4.77
C ILE A 102 2.34 18.08 4.68
N GLY A 103 2.45 17.44 5.84
CA GLY A 103 2.66 16.01 5.93
C GLY A 103 1.44 15.30 6.48
N THR A 104 1.58 14.00 6.55
CA THR A 104 0.47 13.11 6.84
C THR A 104 -0.14 13.32 8.24
N GLY A 105 -1.40 13.05 8.33
CA GLY A 105 -2.12 13.09 9.59
C GLY A 105 -3.28 12.14 9.58
N GLY A 106 -4.36 12.56 10.23
CA GLY A 106 -5.49 11.69 10.47
C GLY A 106 -6.75 12.46 10.79
N THR A 107 -7.89 11.87 10.44
CA THR A 107 -9.19 12.52 10.51
C THR A 107 -10.08 11.77 11.48
N ILE A 108 -10.99 12.49 12.12
CA ILE A 108 -11.90 11.90 13.08
C ILE A 108 -13.12 12.80 13.17
N TYR A 109 -14.27 12.19 13.42
CA TYR A 109 -15.50 12.97 13.53
C TYR A 109 -15.85 13.18 15.00
N ASN A 110 -16.23 14.41 15.34
CA ASN A 110 -16.60 14.74 16.70
C ASN A 110 -18.12 14.88 16.79
N PRO A 111 -18.82 13.91 17.36
CA PRO A 111 -20.28 14.01 17.43
C PRO A 111 -20.78 15.14 18.32
N ALA A 112 -19.94 15.66 19.22
CA ALA A 112 -20.42 16.68 20.16
C ALA A 112 -20.60 18.04 19.49
N ASP A 113 -19.67 18.44 18.62
CA ASP A 113 -19.82 19.67 17.86
C ASP A 113 -20.09 19.41 16.38
N LYS A 114 -20.18 18.15 15.98
CA LYS A 114 -20.55 17.79 14.61
C LYS A 114 -19.56 18.42 13.62
N LEU A 115 -18.27 18.30 13.94
CA LEU A 115 -17.20 18.74 13.06
C LEU A 115 -16.28 17.57 12.79
N TYR A 116 -15.79 17.51 11.55
CA TYR A 116 -14.68 16.63 11.20
C TYR A 116 -13.42 17.38 11.55
N TYR A 117 -12.49 16.69 12.19
CA TYR A 117 -11.19 17.24 12.54
C TYR A 117 -10.14 16.46 11.76
N THR A 118 -9.23 17.17 11.08
CA THR A 118 -8.07 16.56 10.43
C THR A 118 -6.82 17.18 11.05
N PHE A 119 -6.05 16.38 11.79
CA PHE A 119 -4.75 16.76 12.30
C PHE A 119 -3.70 16.40 11.26
N TYR A 120 -2.72 17.28 11.08
CA TYR A 120 -1.72 17.05 10.06
C TYR A 120 -0.39 17.59 10.56
N THR A 121 0.65 17.35 9.74
CA THR A 121 2.01 17.76 10.06
C THR A 121 2.35 19.04 9.31
N GLY A 122 2.63 20.11 10.03
CA GLY A 122 3.14 21.29 9.39
C GLY A 122 4.64 21.28 9.31
N ASN A 123 5.16 21.29 8.08
CA ASN A 123 6.59 21.26 7.82
C ASN A 123 7.07 22.67 7.48
N LYS A 124 7.90 23.23 8.35
CA LYS A 124 8.45 24.56 8.14
C LYS A 124 9.57 24.55 7.11
N PHE A 125 9.54 25.52 6.21
CA PHE A 125 10.60 25.66 5.22
C PHE A 125 11.87 26.25 5.84
N LYS A 126 12.99 25.55 5.67
CA LYS A 126 14.28 25.98 6.17
C LYS A 126 14.22 26.51 7.62
N PRO A 127 13.85 25.67 8.56
CA PRO A 127 13.69 26.16 9.94
C PRO A 127 15.00 26.63 10.56
N SER A 128 14.92 27.67 11.38
CA SER A 128 16.02 28.16 12.20
C SER A 128 16.21 27.22 13.39
N SER A 129 17.33 27.39 14.09
CA SER A 129 17.64 26.53 15.24
C SER A 129 16.54 26.61 16.29
N ASP A 130 15.93 27.77 16.46
CA ASP A 130 14.88 27.95 17.44
C ASP A 130 13.51 27.53 16.95
N GLN A 131 13.34 27.25 15.67
CA GLN A 131 12.06 26.80 15.13
C GLN A 131 11.97 25.28 15.12
N ASN A 132 10.75 24.78 14.95
CA ASN A 132 10.49 23.34 14.86
C ASN A 132 10.23 23.01 13.40
N ALA A 133 11.01 22.07 12.84
CA ALA A 133 10.77 21.63 11.46
C ALA A 133 9.38 21.02 11.30
N GLN A 134 8.89 20.31 12.33
CA GLN A 134 7.60 19.66 12.24
C GLN A 134 6.78 19.93 13.49
N VAL A 135 5.55 20.33 13.26
CA VAL A 135 4.57 20.68 14.29
C VAL A 135 3.23 20.10 13.86
N VAL A 136 2.47 19.55 14.81
CA VAL A 136 1.13 19.04 14.50
C VAL A 136 0.12 20.16 14.59
N MET A 137 -0.73 20.24 13.57
CA MET A 137 -1.73 21.29 13.42
C MET A 137 -3.05 20.63 13.04
N VAL A 138 -4.11 21.43 12.95
CA VAL A 138 -5.44 20.86 12.74
C VAL A 138 -6.31 21.80 11.94
N ALA A 139 -7.23 21.21 11.18
CA ALA A 139 -8.27 21.92 10.47
C ALA A 139 -9.59 21.20 10.71
N THR A 140 -10.72 21.94 10.65
CA THR A 140 -12.03 21.36 10.89
C THR A 140 -12.98 21.68 9.74
N SER A 141 -14.02 20.86 9.63
CA SER A 141 -15.02 21.06 8.61
C SER A 141 -16.37 20.52 9.05
N PRO A 142 -17.47 21.22 8.73
CA PRO A 142 -18.79 20.66 9.09
C PRO A 142 -19.34 19.70 8.05
N ASP A 143 -18.78 19.74 6.84
CA ASP A 143 -19.36 19.03 5.70
C ASP A 143 -18.32 18.31 4.85
N PHE A 144 -17.04 18.37 5.21
CA PHE A 144 -15.93 17.76 4.50
C PHE A 144 -15.58 18.45 3.19
N LYS A 145 -16.22 19.56 2.85
CA LYS A 145 -15.88 20.32 1.66
C LYS A 145 -15.11 21.60 1.98
N THR A 146 -15.52 22.35 2.99
CA THR A 146 -14.86 23.57 3.41
C THR A 146 -14.12 23.32 4.72
N TRP A 147 -12.81 23.52 4.70
CA TRP A 147 -11.97 23.26 5.85
C TRP A 147 -11.38 24.55 6.35
N THR A 148 -11.39 24.72 7.67
CA THR A 148 -10.92 25.93 8.35
C THR A 148 -9.77 25.55 9.24
N LYS A 149 -8.58 26.12 8.96
CA LYS A 149 -7.42 25.88 9.82
C LYS A 149 -7.61 26.54 11.17
N ASN A 150 -7.22 25.84 12.23
CA ASN A 150 -7.23 26.41 13.58
C ASN A 150 -5.91 27.16 13.78
N ARG A 151 -6.00 28.49 13.78
CA ARG A 151 -4.79 29.31 13.81
C ARG A 151 -4.15 29.40 15.19
N THR A 152 -4.73 28.78 16.22
CA THR A 152 -4.15 28.79 17.56
C THR A 152 -3.53 27.45 17.97
N PHE A 153 -3.69 26.39 17.21
CA PHE A 153 -3.27 25.06 17.64
C PHE A 153 -1.91 24.72 17.02
N TYR A 154 -0.90 24.58 17.87
CA TYR A 154 0.43 24.17 17.42
C TYR A 154 1.02 23.22 18.47
N LEU A 155 1.07 21.92 18.15
CA LEU A 155 1.53 20.90 19.08
C LEU A 155 2.98 20.61 18.74
N LYS A 156 3.88 20.94 19.67
CA LYS A 156 5.32 20.81 19.45
C LYS A 156 5.89 19.69 20.31
N GLY A 157 6.75 18.86 19.71
CA GLY A 157 7.27 17.71 20.43
C GLY A 157 8.09 18.07 21.65
N ASP A 158 8.94 19.11 21.53
CA ASP A 158 9.90 19.41 22.60
C ASP A 158 9.23 19.96 23.85
N THR A 159 8.01 20.49 23.72
CA THR A 159 7.20 20.83 24.88
C THR A 159 7.02 19.64 25.81
N TYR A 160 7.03 18.42 25.27
CA TYR A 160 6.74 17.22 26.06
C TYR A 160 7.92 16.26 26.11
N GLY A 161 9.13 16.73 25.80
CA GLY A 161 10.31 15.92 25.84
C GLY A 161 10.63 15.16 24.57
N TYR A 162 9.88 15.38 23.50
CA TYR A 162 10.14 14.70 22.23
C TYR A 162 10.90 15.63 21.28
N ASP A 163 10.91 15.30 20.01
CA ASP A 163 11.82 15.89 19.07
C ASP A 163 11.24 17.16 18.45
N LYS A 164 12.13 18.13 18.20
CA LYS A 164 11.73 19.39 17.59
C LYS A 164 11.47 19.27 16.10
N ASN A 165 12.13 18.34 15.41
CA ASN A 165 12.09 18.26 13.98
C ASN A 165 11.50 16.97 13.41
N ASP A 166 11.43 15.87 14.17
CA ASP A 166 10.73 14.65 13.76
C ASP A 166 9.53 14.50 14.70
N PHE A 167 8.36 14.96 14.26
CA PHE A 167 7.16 14.95 15.09
C PHE A 167 5.98 15.02 14.13
N ARG A 168 5.49 13.84 13.70
CA ARG A 168 4.62 13.81 12.53
C ARG A 168 3.67 12.61 12.51
N ASP A 169 2.81 12.62 11.52
CA ASP A 169 1.91 11.53 11.17
C ASP A 169 0.93 11.24 12.30
N PRO A 170 0.23 12.25 12.82
CA PRO A 170 -0.70 11.99 13.89
C PRO A 170 -1.79 11.02 13.45
N PHE A 171 -2.11 10.09 14.35
CA PHE A 171 -3.19 9.15 14.17
C PHE A 171 -4.20 9.34 15.29
N LEU A 172 -5.46 9.53 14.92
CA LEU A 172 -6.52 9.82 15.89
C LEU A 172 -7.45 8.63 16.03
N PHE A 173 -7.77 8.23 17.26
CA PHE A 173 -8.85 7.29 17.47
C PHE A 173 -9.50 7.54 18.82
N GLN A 174 -10.77 7.17 18.93
CA GLN A 174 -11.55 7.31 20.15
C GLN A 174 -11.85 5.94 20.71
N THR A 175 -11.55 5.74 21.98
CA THR A 175 -11.86 4.47 22.61
C THR A 175 -13.31 4.42 23.10
N GLU A 176 -13.70 3.21 23.54
CA GLU A 176 -15.10 3.00 23.92
CA GLU A 176 -15.10 3.00 23.92
C GLU A 176 -15.52 3.87 25.11
N ASP A 177 -14.58 4.21 25.98
CA ASP A 177 -14.86 5.09 27.12
C ASP A 177 -15.06 6.54 26.72
N GLY A 178 -14.84 6.89 25.42
CA GLY A 178 -15.06 8.23 24.93
C GLY A 178 -13.82 9.10 24.86
N VAL A 179 -12.69 8.63 25.38
CA VAL A 179 -11.45 9.38 25.31
C VAL A 179 -10.89 9.36 23.89
N TYR A 180 -10.43 10.52 23.44
CA TYR A 180 -9.73 10.66 22.18
C TYR A 180 -8.23 10.50 22.39
N HIS A 181 -7.59 9.75 21.48
CA HIS A 181 -6.16 9.47 21.53
C HIS A 181 -5.52 9.95 20.25
N MET A 182 -4.36 10.59 20.36
CA MET A 182 -3.58 10.97 19.19
C MET A 182 -2.19 10.38 19.33
N LEU A 183 -1.76 9.58 18.36
CA LEU A 183 -0.44 8.96 18.35
C LEU A 183 0.45 9.66 17.32
N ILE A 184 1.66 10.04 17.74
CA ILE A 184 2.55 10.80 16.87
C ILE A 184 3.90 10.11 16.79
N ALA A 185 4.45 10.00 15.57
CA ALA A 185 5.76 9.39 15.36
C ALA A 185 6.86 10.41 15.61
N THR A 186 7.71 10.16 16.60
CA THR A 186 8.69 11.16 16.99
C THR A 186 9.94 10.44 17.51
N ARG A 187 10.74 11.18 18.28
CA ARG A 187 11.95 10.65 18.85
C ARG A 187 12.11 11.20 20.26
N LYS A 188 12.82 10.43 21.10
CA LYS A 188 13.16 10.86 22.45
C LYS A 188 14.53 10.27 22.75
N ASN A 189 15.50 11.13 23.05
CA ASN A 189 16.86 10.68 23.31
C ASN A 189 17.44 9.91 22.12
N GLY A 190 17.18 10.40 20.91
N GLY A 190 17.09 10.35 20.91
CA GLY A 190 17.67 9.71 19.73
CA GLY A 190 17.51 9.72 19.68
C GLY A 190 17.18 8.28 19.66
C GLY A 190 16.65 8.55 19.23
N LYS A 191 15.89 8.10 19.89
N LYS A 191 16.07 7.81 20.17
CA LYS A 191 15.26 6.79 19.85
CA LYS A 191 15.29 6.61 19.84
C LYS A 191 13.85 7.00 19.34
C LYS A 191 13.92 7.00 19.30
N GLY A 192 13.43 6.23 18.34
CA GLY A 192 12.07 6.41 17.89
C GLY A 192 11.05 6.06 18.95
N HIS A 193 10.08 6.96 19.13
CA HIS A 193 8.99 6.81 20.08
C HIS A 193 7.71 7.18 19.34
N ILE A 194 6.66 6.39 19.52
CA ILE A 194 5.31 6.85 19.23
C ILE A 194 4.75 7.47 20.51
N ALA A 195 4.55 8.79 20.51
CA ALA A 195 4.02 9.52 21.65
C ALA A 195 2.49 9.52 21.62
N GLU A 196 1.86 9.42 22.78
CA GLU A 196 0.41 9.43 22.90
C GLU A 196 -0.05 10.71 23.59
N PHE A 197 -1.11 11.30 23.06
CA PHE A 197 -1.78 12.42 23.70
C PHE A 197 -3.24 12.06 23.86
N THR A 198 -3.86 12.55 24.93
CA THR A 198 -5.27 12.26 25.19
C THR A 198 -6.07 13.57 25.32
N SER A 199 -7.36 13.48 25.01
CA SER A 199 -8.23 14.64 25.05
C SER A 199 -9.67 14.17 25.23
N ALA A 200 -10.48 14.99 25.91
CA ALA A 200 -11.91 14.72 25.98
C ALA A 200 -12.67 15.36 24.83
N ASP A 201 -12.08 16.37 24.18
CA ASP A 201 -12.85 17.23 23.29
C ASP A 201 -12.12 17.54 22.00
N LEU A 202 -10.94 16.97 21.76
CA LEU A 202 -10.11 17.17 20.56
C LEU A 202 -9.47 18.55 20.51
N LYS A 203 -9.63 19.38 21.54
CA LYS A 203 -9.06 20.72 21.57
C LYS A 203 -7.97 20.86 22.60
N GLU A 204 -8.21 20.38 23.82
CA GLU A 204 -7.24 20.42 24.90
C GLU A 204 -6.61 19.04 25.01
N TRP A 205 -5.30 18.99 24.84
CA TRP A 205 -4.54 17.72 24.80
C TRP A 205 -3.61 17.60 25.99
N GLU A 206 -3.49 16.38 26.52
CA GLU A 206 -2.55 16.04 27.59
C GLU A 206 -1.60 14.97 27.08
N SER A 207 -0.33 15.04 27.44
CA SER A 207 0.61 13.97 27.10
C SER A 207 0.37 12.78 28.03
N ALA A 208 0.30 11.59 27.44
CA ALA A 208 0.23 10.35 28.19
C ALA A 208 1.53 9.57 28.07
N GLY A 209 2.61 10.26 27.72
CA GLY A 209 3.90 9.62 27.58
C GLY A 209 4.02 8.81 26.28
N THR A 210 4.88 7.81 26.32
CA THR A 210 5.17 7.01 25.14
C THR A 210 4.17 5.87 25.02
N PHE A 211 3.54 5.77 23.84
CA PHE A 211 2.67 4.64 23.55
C PHE A 211 3.50 3.37 23.33
N MET A 212 4.42 3.43 22.38
CA MET A 212 5.37 2.36 22.08
C MET A 212 6.69 2.95 21.62
N THR A 213 7.79 2.26 21.93
CA THR A 213 9.06 2.60 21.30
C THR A 213 9.19 1.86 19.98
N MET A 214 10.05 2.37 19.11
CA MET A 214 10.29 1.78 17.80
C MET A 214 11.50 0.89 17.90
N MET A 215 11.43 -0.29 17.27
CA MET A 215 12.52 -1.26 17.41
C MET A 215 13.86 -0.66 17.00
N TRP A 216 14.92 -0.95 17.79
CA TRP A 216 16.31 -0.66 17.42
C TRP A 216 16.38 0.76 16.90
N ASP A 217 16.92 0.97 15.70
CA ASP A 217 17.01 2.32 15.13
C ASP A 217 16.03 2.50 13.97
N ARG A 218 14.93 1.77 14.00
CA ARG A 218 13.90 1.91 12.99
C ARG A 218 13.11 3.20 13.23
N PHE A 219 12.34 3.62 12.22
CA PHE A 219 11.39 4.71 12.40
C PHE A 219 10.06 4.33 11.74
N TYR A 220 8.98 4.37 12.50
CA TYR A 220 7.66 3.92 12.05
C TYR A 220 6.86 5.13 11.58
N ALA A 221 6.77 5.29 10.27
CA ALA A 221 5.94 6.35 9.72
C ALA A 221 4.50 5.86 9.64
N CYS A 222 3.57 6.82 9.58
CA CYS A 222 2.16 6.55 9.35
C CYS A 222 1.61 5.44 10.26
N PRO A 223 1.80 5.58 11.56
CA PRO A 223 1.26 4.58 12.48
C PRO A 223 -0.27 4.58 12.43
N ASP A 224 -0.84 3.42 12.71
CA ASP A 224 -2.29 3.17 12.73
C ASP A 224 -2.57 2.11 13.78
N VAL A 225 -3.41 2.42 14.76
CA VAL A 225 -3.76 1.47 15.81
C VAL A 225 -5.26 1.22 15.79
N PHE A 226 -5.65 -0.05 15.90
CA PHE A 226 -7.07 -0.38 15.85
C PHE A 226 -7.26 -1.73 16.50
N LYS A 227 -8.50 -2.03 16.87
CA LYS A 227 -8.90 -3.35 17.35
C LYS A 227 -9.77 -4.03 16.31
N MET A 228 -9.51 -5.28 16.04
CA MET A 228 -10.27 -6.07 15.05
C MET A 228 -10.53 -7.43 15.68
N GLY A 229 -11.77 -7.81 15.89
CA GLY A 229 -12.03 -9.04 16.62
C GLY A 229 -11.43 -8.93 18.02
N ASP A 230 -10.70 -9.96 18.42
CA ASP A 230 -10.12 -10.02 19.75
C ASP A 230 -8.66 -9.58 19.79
N TRP A 231 -8.19 -8.85 18.78
CA TRP A 231 -6.81 -8.42 18.74
C TRP A 231 -6.68 -6.93 18.48
N TRP A 232 -5.72 -6.31 19.15
CA TRP A 232 -5.22 -4.98 18.86
C TRP A 232 -3.99 -5.04 17.95
N TYR A 233 -3.94 -4.10 17.01
CA TYR A 233 -2.89 -4.00 16.03
C TYR A 233 -2.28 -2.61 15.97
N LEU A 234 -0.99 -2.60 15.66
CA LEU A 234 -0.29 -1.43 15.13
C LEU A 234 0.16 -1.74 13.72
N ILE A 235 -0.34 -0.96 12.75
CA ILE A 235 0.18 -0.97 11.39
C ILE A 235 1.09 0.23 11.19
N TYR A 236 2.21 0.04 10.46
CA TYR A 236 3.14 1.15 10.25
C TYR A 236 3.93 0.95 8.97
N SER A 237 4.61 1.99 8.56
CA SER A 237 5.42 1.98 7.36
C SER A 237 6.87 2.20 7.76
N GLU A 238 7.73 1.21 7.53
CA GLU A 238 9.13 1.37 7.94
C GLU A 238 9.91 2.32 7.03
N GLN A 239 10.55 3.34 7.63
CA GLN A 239 11.35 4.33 6.91
CA GLN A 239 11.30 4.29 6.82
C GLN A 239 12.73 3.80 6.51
N ALA A 240 13.26 2.87 7.28
CA ALA A 240 14.59 2.35 7.01
C ALA A 240 14.70 1.88 5.56
N SER A 241 15.79 2.28 4.91
CA SER A 241 15.95 2.14 3.46
C SER A 241 15.94 0.69 3.02
N PHE A 242 16.48 -0.23 3.82
CA PHE A 242 16.48 -1.65 3.44
C PHE A 242 15.09 -2.29 3.56
N MET A 243 14.14 -1.64 4.23
CA MET A 243 12.79 -2.19 4.38
C MET A 243 11.81 -1.50 3.45
N ARG A 244 11.36 -0.29 3.78
CA ARG A 244 10.39 0.43 2.95
C ARG A 244 9.16 -0.44 2.65
N LYS A 245 8.59 -1.02 3.69
CA LYS A 245 7.42 -1.86 3.60
C LYS A 245 6.46 -1.53 4.73
N VAL A 246 5.20 -1.88 4.52
CA VAL A 246 4.18 -1.82 5.55
C VAL A 246 4.25 -3.08 6.42
N GLN A 247 4.27 -2.89 7.72
CA GLN A 247 4.42 -3.95 8.71
C GLN A 247 3.41 -3.75 9.81
N TYR A 248 3.31 -4.74 10.71
CA TYR A 248 2.39 -4.65 11.85
C TYR A 248 2.91 -5.47 13.04
N PHE A 249 2.38 -5.10 14.20
CA PHE A 249 2.46 -5.85 15.45
C PHE A 249 1.05 -6.14 15.93
N LYS A 250 0.91 -7.18 16.77
CA LYS A 250 -0.40 -7.49 17.34
C LYS A 250 -0.29 -7.85 18.82
N GLY A 251 -1.43 -7.75 19.51
CA GLY A 251 -1.54 -8.14 20.89
C GLY A 251 -2.98 -8.33 21.28
N ARG A 252 -3.22 -9.23 22.23
CA ARG A 252 -4.59 -9.49 22.66
C ARG A 252 -5.18 -8.31 23.43
N THR A 253 -4.35 -7.57 24.14
CA THR A 253 -4.74 -6.36 24.85
C THR A 253 -3.87 -5.21 24.34
N LEU A 254 -4.26 -3.99 24.67
CA LEU A 254 -3.41 -2.85 24.32
C LEU A 254 -2.05 -2.97 25.00
N GLU A 255 -2.02 -3.41 26.26
CA GLU A 255 -0.74 -3.57 26.94
C GLU A 255 0.10 -4.64 26.26
N ASP A 256 -0.51 -5.73 25.79
CA ASP A 256 0.27 -6.76 25.09
C ASP A 256 0.82 -6.22 23.77
N LEU A 257 0.02 -5.45 23.03
CA LEU A 257 0.53 -4.79 21.82
C LEU A 257 1.74 -3.91 22.12
N LYS A 258 1.61 -3.03 23.11
CA LYS A 258 2.71 -2.13 23.43
C LYS A 258 3.96 -2.88 23.86
N ALA A 259 3.79 -4.07 24.45
CA ALA A 259 4.93 -4.84 24.91
C ALA A 259 5.74 -5.47 23.78
N THR A 260 5.21 -5.52 22.54
CA THR A 260 5.91 -6.22 21.46
C THR A 260 7.26 -5.60 21.16
N THR A 261 7.43 -4.30 21.40
CA THR A 261 8.67 -3.59 21.11
C THR A 261 9.36 -3.09 22.38
N ALA A 262 8.75 -3.27 23.54
CA ALA A 262 9.33 -2.79 24.78
C ALA A 262 10.72 -3.37 25.00
N ASN A 263 11.68 -2.50 25.28
CA ASN A 263 13.06 -2.93 25.48
C ASN A 263 13.56 -3.70 24.27
N ASP A 264 13.09 -3.36 23.08
CA ASP A 264 13.49 -4.04 21.85
C ASP A 264 13.17 -5.52 21.92
N ALA A 265 12.01 -5.88 22.46
CA ALA A 265 11.67 -7.31 22.59
C ALA A 265 11.51 -7.97 21.23
N GLY A 266 11.01 -7.24 20.24
CA GLY A 266 10.91 -7.78 18.90
C GLY A 266 9.96 -8.98 18.86
N ILE A 267 8.76 -8.83 19.43
CA ILE A 267 7.77 -9.92 19.42
C ILE A 267 6.99 -9.74 18.12
N TRP A 268 7.56 -10.29 17.04
CA TRP A 268 6.89 -10.24 15.73
C TRP A 268 5.56 -10.98 15.80
N PRO A 269 4.57 -10.57 14.99
CA PRO A 269 3.24 -11.17 15.08
C PRO A 269 3.13 -12.48 14.36
N ASP A 270 4.10 -12.80 13.52
CA ASP A 270 4.06 -13.98 12.67
C ASP A 270 5.50 -14.34 12.32
N ASN A 271 5.66 -15.20 11.32
CA ASN A 271 6.99 -15.69 10.93
C ASN A 271 7.65 -14.83 9.87
N ARG A 272 7.07 -13.68 9.50
CA ARG A 272 7.68 -12.78 8.51
C ARG A 272 7.79 -11.33 9.00
N GLU A 273 8.07 -11.15 10.29
CA GLU A 273 8.28 -9.85 10.89
C GLU A 273 7.13 -8.90 10.57
N GLY A 274 5.95 -9.46 10.40
CA GLY A 274 4.78 -8.64 10.12
C GLY A 274 4.75 -7.90 8.79
N MET A 275 5.58 -8.31 7.84
CA MET A 275 5.67 -7.66 6.51
C MET A 275 4.44 -8.05 5.68
N LEU A 276 3.53 -7.12 5.42
CA LEU A 276 2.26 -7.41 4.77
C LEU A 276 2.39 -7.42 3.25
N ASP A 277 3.22 -6.54 2.70
CA ASP A 277 3.41 -6.35 1.26
C ASP A 277 4.88 -5.98 1.09
N SER A 278 5.28 -5.64 -0.14
CA SER A 278 6.68 -5.39 -0.42
C SER A 278 6.90 -3.91 -0.74
N ARG A 279 7.96 -3.60 -1.51
CA ARG A 279 8.45 -2.23 -1.63
C ARG A 279 7.65 -1.39 -2.60
N ALA A 280 6.64 -1.94 -3.26
CA ALA A 280 5.78 -1.17 -4.15
C ALA A 280 4.41 -0.92 -3.55
N PHE A 281 4.30 -0.99 -2.22
CA PHE A 281 3.07 -0.60 -1.51
C PHE A 281 3.50 0.08 -0.21
N TYR A 282 3.21 1.37 -0.04
CA TYR A 282 3.75 2.12 1.08
C TYR A 282 2.73 3.07 1.69
N ALA A 283 3.05 3.47 2.94
CA ALA A 283 2.27 4.44 3.67
C ALA A 283 0.84 3.95 3.89
N GLY A 284 0.70 2.66 4.17
CA GLY A 284 -0.63 2.07 4.27
C GLY A 284 -1.30 2.34 5.63
N LYS A 285 -2.53 2.83 5.58
CA LYS A 285 -3.34 3.04 6.75
C LYS A 285 -4.76 2.53 6.48
N THR A 286 -5.46 2.25 7.57
CA THR A 286 -6.73 1.55 7.47
C THR A 286 -7.95 2.34 7.94
N ALA A 287 -9.11 1.88 7.52
CA ALA A 287 -10.39 2.34 8.03
C ALA A 287 -11.36 1.19 7.84
N SER A 288 -12.38 1.14 8.70
CA SER A 288 -13.39 0.10 8.67
C SER A 288 -14.79 0.68 8.52
N ASP A 289 -15.64 0.00 7.76
CA ASP A 289 -17.05 0.37 7.64
C ASP A 289 -17.93 -0.49 8.54
N GLY A 290 -17.34 -1.25 9.45
CA GLY A 290 -18.07 -2.16 10.30
C GLY A 290 -18.24 -3.56 9.75
N THR A 291 -18.07 -3.75 8.45
CA THR A 291 -18.05 -5.07 7.82
C THR A 291 -16.64 -5.52 7.49
N ASN A 292 -15.88 -4.68 6.77
CA ASN A 292 -14.51 -4.94 6.40
C ASN A 292 -13.63 -3.78 6.80
N ARG A 293 -12.39 -4.13 7.10
CA ARG A 293 -11.34 -3.13 7.27
C ARG A 293 -10.44 -3.15 6.04
N TYR A 294 -10.27 -2.00 5.41
CA TYR A 294 -9.40 -1.89 4.26
C TYR A 294 -8.16 -1.10 4.64
N ILE A 295 -7.09 -1.32 3.88
CA ILE A 295 -5.85 -0.57 3.99
C ILE A 295 -5.62 0.11 2.65
N TRP A 296 -5.26 1.39 2.70
CA TRP A 296 -4.96 2.21 1.52
C TRP A 296 -3.50 2.58 1.61
N GLY A 297 -2.78 2.40 0.52
CA GLY A 297 -1.41 2.86 0.42
C GLY A 297 -1.13 3.32 -0.99
N TRP A 298 0.11 3.67 -1.31
CA TRP A 298 0.40 4.03 -2.68
C TRP A 298 1.43 3.10 -3.29
N CYS A 299 1.33 2.98 -4.61
CA CYS A 299 2.26 2.22 -5.44
C CYS A 299 3.14 3.20 -6.19
N PRO A 300 4.46 3.13 -6.00
CA PRO A 300 5.33 4.15 -6.59
C PRO A 300 5.40 4.06 -8.11
N THR A 301 5.61 5.25 -8.69
CA THR A 301 6.06 5.37 -10.06
C THR A 301 7.52 4.91 -10.17
N ARG A 302 7.95 4.66 -11.41
CA ARG A 302 9.34 4.33 -11.72
C ARG A 302 9.92 5.42 -12.63
N ALA A 303 11.13 5.87 -12.33
CA ALA A 303 11.82 6.80 -13.20
C ALA A 303 11.87 6.25 -14.63
N GLY A 304 11.58 7.11 -15.59
CA GLY A 304 11.60 6.72 -16.98
C GLY A 304 10.58 5.67 -17.36
N ASN A 305 9.59 5.42 -16.50
CA ASN A 305 8.63 4.33 -16.71
C ASN A 305 9.36 3.01 -16.93
N ASP A 306 10.53 2.89 -16.33
CA ASP A 306 11.38 1.70 -16.46
C ASP A 306 11.14 0.76 -15.28
N ASN A 307 10.55 -0.41 -15.56
CA ASN A 307 10.15 -1.28 -14.46
C ASN A 307 11.33 -1.79 -13.64
N GLY A 308 12.55 -1.75 -14.19
CA GLY A 308 13.71 -2.26 -13.49
C GLY A 308 14.46 -1.21 -12.72
N ASN A 309 13.98 0.03 -12.73
CA ASN A 309 14.60 1.12 -11.97
C ASN A 309 13.72 1.33 -10.75
N VAL A 310 14.08 0.71 -9.65
CA VAL A 310 13.25 0.74 -8.45
C VAL A 310 13.87 1.61 -7.36
N GLY A 311 14.82 2.45 -7.73
CA GLY A 311 15.47 3.32 -6.77
C GLY A 311 16.76 2.71 -6.28
N ASP A 312 17.81 3.51 -6.16
CA ASP A 312 19.07 2.98 -5.62
C ASP A 312 19.00 2.78 -4.12
N VAL A 313 18.31 3.69 -3.43
CA VAL A 313 18.16 3.66 -1.98
C VAL A 313 16.70 3.40 -1.59
N GLU A 314 15.79 4.21 -2.11
CA GLU A 314 14.35 4.12 -1.90
C GLU A 314 13.67 4.34 -3.24
N PRO A 315 12.47 3.79 -3.43
CA PRO A 315 11.75 4.04 -4.68
C PRO A 315 11.25 5.48 -4.71
N GLU A 316 10.79 5.92 -5.88
CA GLU A 316 10.18 7.26 -5.96
C GLU A 316 9.00 7.36 -4.99
N TRP A 317 8.72 8.58 -4.52
CA TRP A 317 7.67 8.83 -3.56
C TRP A 317 6.39 9.20 -4.32
N ALA A 318 5.31 8.56 -3.93
CA ALA A 318 3.97 8.70 -4.49
C ALA A 318 3.75 7.97 -5.80
N GLY A 319 2.48 7.75 -6.11
CA GLY A 319 2.11 7.12 -7.37
C GLY A 319 0.61 6.94 -7.44
N ASN A 320 0.13 5.70 -7.38
CA ASN A 320 -1.28 5.38 -7.48
C ASN A 320 -1.80 4.86 -6.14
N LEU A 321 -3.06 5.16 -5.87
CA LEU A 321 -3.74 4.71 -4.67
C LEU A 321 -4.13 3.25 -4.84
N VAL A 322 -3.79 2.42 -3.87
CA VAL A 322 -4.17 1.00 -3.87
C VAL A 322 -4.90 0.67 -2.56
N ALA A 323 -6.07 0.09 -2.70
CA ALA A 323 -6.80 -0.43 -1.55
C ALA A 323 -6.66 -1.94 -1.50
N GLN A 324 -6.55 -2.49 -0.30
CA GLN A 324 -6.55 -3.93 -0.06
C GLN A 324 -7.41 -4.17 1.16
N ARG A 325 -7.88 -5.39 1.31
CA ARG A 325 -8.71 -5.80 2.43
C ARG A 325 -7.89 -6.58 3.44
N LEU A 326 -8.11 -6.30 4.71
CA LEU A 326 -7.45 -7.05 5.78
C LEU A 326 -8.11 -8.41 5.99
N ILE A 327 -7.30 -9.46 6.06
CA ILE A 327 -7.76 -10.82 6.34
C ILE A 327 -7.23 -11.17 7.72
N GLN A 328 -8.10 -11.36 8.69
CA GLN A 328 -7.69 -11.82 10.01
C GLN A 328 -7.83 -13.32 10.10
N HIS A 329 -6.76 -13.99 10.52
CA HIS A 329 -6.73 -15.43 10.64
C HIS A 329 -7.11 -15.82 12.07
N GLU A 330 -7.38 -17.11 12.28
CA GLU A 330 -7.85 -17.55 13.60
C GLU A 330 -6.79 -17.34 14.67
N ASP A 331 -5.52 -17.30 14.30
CA ASP A 331 -4.44 -17.05 15.25
C ASP A 331 -4.11 -15.57 15.41
N GLY A 332 -4.92 -14.67 14.83
CA GLY A 332 -4.69 -13.24 14.98
C GLY A 332 -3.75 -12.61 13.97
N THR A 333 -3.03 -13.41 13.18
CA THR A 333 -2.18 -12.84 12.15
C THR A 333 -3.02 -12.23 11.04
N LEU A 334 -2.38 -11.30 10.30
CA LEU A 334 -3.02 -10.58 9.19
C LEU A 334 -2.31 -10.90 7.88
N THR A 335 -3.11 -11.05 6.84
CA THR A 335 -2.68 -10.98 5.47
C THR A 335 -3.62 -10.02 4.74
N LEU A 336 -3.32 -9.72 3.50
CA LEU A 336 -4.14 -8.80 2.71
C LEU A 336 -4.77 -9.52 1.52
N GLY A 337 -6.01 -9.12 1.18
CA GLY A 337 -6.69 -9.66 0.03
C GLY A 337 -7.32 -8.56 -0.81
N VAL A 338 -7.96 -8.99 -1.89
CA VAL A 338 -8.54 -8.02 -2.81
C VAL A 338 -9.83 -7.49 -2.17
N PRO A 339 -10.17 -6.20 -2.28
CA PRO A 339 -11.52 -5.75 -1.91
C PRO A 339 -12.54 -6.38 -2.82
N ASP A 340 -13.67 -6.79 -2.23
CA ASP A 340 -14.66 -7.52 -3.03
C ASP A 340 -15.18 -6.68 -4.20
N ALA A 341 -15.34 -5.37 -3.98
CA ALA A 341 -15.84 -4.51 -5.05
C ALA A 341 -14.86 -4.38 -6.20
N ILE A 342 -13.56 -4.52 -5.94
CA ILE A 342 -12.60 -4.53 -7.04
C ILE A 342 -12.73 -5.81 -7.86
N ASP A 343 -12.93 -6.94 -7.18
CA ASP A 343 -13.10 -8.21 -7.88
C ASP A 343 -14.30 -8.18 -8.83
N ARG A 344 -15.17 -7.17 -8.75
CA ARG A 344 -16.37 -7.12 -9.57
C ARG A 344 -16.28 -6.14 -10.75
N LYS A 345 -15.26 -5.27 -10.77
CA LYS A 345 -14.98 -4.45 -11.94
C LYS A 345 -14.50 -5.24 -13.15
N TYR A 346 -14.15 -6.53 -12.98
CA TYR A 346 -13.66 -7.38 -14.06
C TYR A 346 -14.80 -8.32 -14.45
N THR A 347 -15.44 -8.05 -15.60
CA THR A 347 -16.77 -8.56 -15.91
C THR A 347 -16.81 -9.63 -17.00
N SER A 348 -16.22 -9.38 -18.15
CA SER A 348 -16.28 -10.32 -19.27
C SER A 348 -15.07 -11.24 -19.24
N ALA A 349 -15.31 -12.53 -19.08
CA ALA A 349 -14.25 -13.52 -19.22
C ALA A 349 -13.75 -13.51 -20.66
N GLN A 350 -12.44 -13.49 -20.84
CA GLN A 350 -11.82 -13.53 -22.16
C GLN A 350 -11.35 -14.95 -22.48
N GLU A 351 -11.18 -15.23 -23.76
CA GLU A 351 -10.64 -16.52 -24.18
C GLU A 351 -9.12 -16.55 -23.93
N VAL A 352 -8.66 -17.65 -23.35
CA VAL A 352 -7.24 -17.84 -23.08
C VAL A 352 -6.69 -18.79 -24.13
N LYS A 353 -5.74 -18.30 -24.93
CA LYS A 353 -5.13 -19.10 -25.99
C LYS A 353 -3.61 -19.06 -25.84
N VAL A 354 -2.97 -20.18 -26.19
CA VAL A 354 -1.51 -20.26 -26.19
C VAL A 354 -0.99 -19.62 -27.46
N MET A 355 -0.04 -18.71 -27.32
CA MET A 355 0.59 -18.06 -28.46
C MET A 355 2.00 -18.57 -28.72
N ALA A 356 2.69 -19.11 -27.72
CA ALA A 356 4.01 -19.67 -27.92
C ALA A 356 4.35 -20.59 -26.76
N LYS A 357 5.09 -21.66 -27.06
CA LYS A 357 5.59 -22.60 -26.09
C LYS A 357 7.10 -22.72 -26.29
N ASP A 358 7.79 -22.97 -25.20
CA ASP A 358 9.22 -23.19 -25.26
C ASP A 358 9.63 -24.23 -24.22
N GLY A 359 10.57 -25.06 -24.59
CA GLY A 359 11.13 -25.97 -23.64
C GLY A 359 10.31 -27.23 -23.41
N ASN A 360 10.62 -27.87 -22.28
CA ASN A 360 10.16 -29.22 -21.98
C ASN A 360 8.82 -29.10 -21.29
N MET A 361 7.74 -29.17 -22.08
CA MET A 361 6.40 -29.01 -21.51
C MET A 361 5.37 -29.70 -22.38
N ILE A 362 4.20 -29.94 -21.81
CA ILE A 362 3.10 -30.57 -22.52
C ILE A 362 1.82 -29.78 -22.28
N GLU A 363 0.97 -29.73 -23.31
CA GLU A 363 -0.36 -29.18 -23.21
C GLU A 363 -1.32 -30.35 -23.16
N SER A 364 -2.13 -30.44 -22.11
CA SER A 364 -3.04 -31.58 -21.91
C SER A 364 -4.44 -30.99 -21.71
N GLY A 365 -5.05 -30.55 -22.81
CA GLY A 365 -6.35 -29.92 -22.76
C GLY A 365 -6.24 -28.53 -22.16
N LYS A 366 -6.97 -28.31 -21.08
CA LYS A 366 -6.96 -27.02 -20.40
C LYS A 366 -6.00 -27.00 -19.21
N THR A 367 -5.01 -27.88 -19.20
CA THR A 367 -3.94 -27.87 -18.21
C THR A 367 -2.60 -27.89 -18.93
N TYR A 368 -1.56 -27.44 -18.23
CA TYR A 368 -0.23 -27.40 -18.78
C TYR A 368 0.74 -27.91 -17.74
N THR A 369 1.66 -28.79 -18.13
CA THR A 369 2.75 -29.23 -17.29
C THR A 369 4.05 -28.75 -17.88
N LEU A 370 4.79 -27.97 -17.10
CA LEU A 370 6.02 -27.31 -17.51
C LEU A 370 7.17 -27.84 -16.67
N GLY A 371 8.16 -28.44 -17.32
CA GLY A 371 9.38 -28.81 -16.66
C GLY A 371 10.32 -27.62 -16.52
N GLU A 372 11.41 -27.84 -15.78
CA GLU A 372 12.50 -26.87 -15.65
C GLU A 372 12.86 -26.25 -16.99
N GLY A 373 12.81 -24.93 -17.04
CA GLY A 373 13.22 -24.13 -18.17
C GLY A 373 12.15 -23.89 -19.21
N ALA A 374 10.96 -24.42 -19.03
CA ALA A 374 9.89 -24.26 -20.00
C ALA A 374 9.09 -23.00 -19.73
N SER A 375 8.48 -22.47 -20.79
CA SER A 375 7.69 -21.25 -20.77
C SER A 375 6.48 -21.46 -21.67
N VAL A 376 5.36 -20.89 -21.29
CA VAL A 376 4.18 -20.79 -22.13
C VAL A 376 3.74 -19.34 -22.11
N ILE A 377 3.45 -18.79 -23.29
CA ILE A 377 3.02 -17.42 -23.46
C ILE A 377 1.56 -17.42 -23.90
N PHE A 378 0.74 -16.61 -23.24
CA PHE A 378 -0.69 -16.54 -23.50
C PHE A 378 -1.01 -15.31 -24.34
N ASN A 379 -2.27 -15.22 -24.77
CA ASN A 379 -2.63 -14.10 -25.62
C ASN A 379 -2.62 -12.78 -24.83
N ARG A 380 -2.52 -11.69 -25.60
CA ARG A 380 -2.47 -10.33 -25.04
C ARG A 380 -3.49 -10.09 -23.94
N LEU A 381 -3.05 -9.39 -22.90
CA LEU A 381 -4.00 -8.87 -21.94
C LEU A 381 -4.63 -7.59 -22.50
N LYS A 382 -5.66 -7.13 -21.82
CA LYS A 382 -6.28 -5.85 -22.20
C LYS A 382 -5.77 -4.81 -21.22
N VAL A 383 -6.60 -3.85 -20.83
CA VAL A 383 -6.11 -2.70 -20.08
C VAL A 383 -6.26 -2.87 -18.57
N HIS A 384 -7.43 -3.33 -18.11
CA HIS A 384 -7.68 -3.56 -16.69
C HIS A 384 -8.06 -5.03 -16.55
N ASN A 385 -7.18 -5.83 -15.94
CA ASN A 385 -7.25 -7.28 -16.05
C ASN A 385 -7.40 -8.01 -14.72
N LYS A 386 -8.05 -9.17 -14.79
CA LYS A 386 -8.08 -10.12 -13.68
C LYS A 386 -7.59 -11.45 -14.23
N ILE A 387 -6.49 -11.96 -13.67
CA ILE A 387 -5.89 -13.22 -14.10
C ILE A 387 -5.95 -14.19 -12.93
N SER A 388 -6.43 -15.40 -13.18
CA SER A 388 -6.58 -16.42 -12.16
C SER A 388 -6.09 -17.76 -12.73
N PHE A 389 -5.44 -18.54 -11.88
CA PHE A 389 -5.01 -19.89 -12.26
C PHE A 389 -4.51 -20.61 -11.01
N THR A 390 -4.30 -21.91 -11.16
CA THR A 390 -3.80 -22.75 -10.07
C THR A 390 -2.50 -23.39 -10.52
N VAL A 391 -1.48 -23.33 -9.67
CA VAL A 391 -0.19 -23.96 -9.91
C VAL A 391 0.01 -25.02 -8.84
N LYS A 392 0.30 -26.24 -9.28
CA LYS A 392 0.70 -27.33 -8.40
C LYS A 392 2.13 -27.67 -8.74
N THR A 393 3.02 -27.57 -7.75
CA THR A 393 4.43 -27.90 -7.93
C THR A 393 4.66 -29.34 -7.48
N ALA A 394 5.72 -29.94 -8.00
CA ALA A 394 6.03 -31.32 -7.64
C ALA A 394 6.69 -31.43 -6.27
N SER A 395 7.40 -30.40 -5.83
CA SER A 395 8.13 -30.42 -4.57
C SER A 395 7.95 -29.07 -3.90
N ASN A 396 8.21 -29.01 -2.60
CA ASN A 396 8.17 -27.75 -1.88
C ASN A 396 9.47 -26.97 -2.02
N THR A 397 10.32 -27.37 -2.97
CA THR A 397 11.52 -26.61 -3.32
C THR A 397 11.50 -26.15 -4.77
N ASP A 398 10.37 -26.26 -5.47
CA ASP A 398 10.28 -25.82 -6.85
C ASP A 398 10.21 -24.28 -6.94
N ARG A 399 10.35 -23.77 -8.17
CA ARG A 399 10.32 -22.34 -8.44
C ARG A 399 9.61 -22.11 -9.75
N PHE A 400 8.68 -21.17 -9.79
CA PHE A 400 7.97 -20.83 -11.01
C PHE A 400 7.80 -19.31 -11.10
N GLY A 401 7.42 -18.86 -12.29
CA GLY A 401 7.38 -17.45 -12.60
C GLY A 401 6.09 -17.06 -13.28
N ILE A 402 5.63 -15.85 -12.94
CA ILE A 402 4.48 -15.20 -13.57
C ILE A 402 5.02 -13.95 -14.27
N SER A 403 5.02 -13.95 -15.60
CA SER A 403 5.74 -12.94 -16.36
C SER A 403 4.79 -12.03 -17.12
N PHE A 404 5.12 -10.75 -17.14
CA PHE A 404 4.35 -9.75 -17.87
C PHE A 404 5.25 -9.00 -18.84
N VAL A 405 4.60 -8.32 -19.79
CA VAL A 405 5.26 -7.58 -20.85
C VAL A 405 6.17 -8.52 -21.64
N ARG A 406 5.73 -9.76 -21.81
CA ARG A 406 6.57 -10.74 -22.51
C ARG A 406 5.99 -10.99 -23.89
N GLY A 407 6.38 -10.16 -24.84
CA GLY A 407 6.10 -10.44 -26.23
C GLY A 407 7.00 -11.54 -26.75
N THR A 408 6.55 -12.20 -27.82
CA THR A 408 7.37 -13.24 -28.45
C THR A 408 8.74 -12.69 -28.84
N ASP A 409 8.84 -11.39 -29.06
CA ASP A 409 10.07 -10.74 -29.48
C ASP A 409 10.69 -9.89 -28.38
N SER A 410 10.26 -10.07 -27.13
CA SER A 410 10.76 -9.26 -26.03
C SER A 410 12.12 -9.78 -25.56
N ALA A 411 13.12 -8.92 -25.59
CA ALA A 411 14.44 -9.30 -25.12
C ALA A 411 14.45 -9.50 -23.60
N SER A 412 13.74 -8.65 -22.87
CA SER A 412 13.58 -8.77 -21.44
C SER A 412 12.12 -8.57 -21.05
N TRP A 413 11.78 -9.03 -19.85
CA TRP A 413 10.44 -8.92 -19.31
C TRP A 413 10.54 -8.93 -17.79
N TYR A 414 9.38 -8.90 -17.14
CA TYR A 414 9.29 -8.71 -15.70
C TYR A 414 8.43 -9.82 -15.10
N SER A 415 8.91 -10.41 -14.02
CA SER A 415 8.28 -11.60 -13.48
C SER A 415 8.22 -11.56 -11.96
N ILE A 416 7.14 -12.14 -11.45
CA ILE A 416 7.05 -12.55 -10.06
C ILE A 416 7.55 -13.98 -9.98
N HIS A 417 8.70 -14.18 -9.32
CA HIS A 417 9.24 -15.51 -9.08
C HIS A 417 8.71 -16.04 -7.75
N VAL A 418 8.08 -17.20 -7.78
CA VAL A 418 7.58 -17.83 -6.56
C VAL A 418 8.57 -18.92 -6.22
N ASN A 419 9.38 -18.68 -5.20
CA ASN A 419 10.47 -19.60 -4.84
C ASN A 419 10.05 -20.38 -3.59
N ALA A 420 9.49 -21.58 -3.77
CA ALA A 420 9.01 -22.32 -2.60
C ALA A 420 10.14 -22.71 -1.62
N ASP A 421 11.34 -22.98 -2.14
CA ASP A 421 12.44 -23.34 -1.26
C ASP A 421 12.90 -22.15 -0.41
N GLU A 422 12.58 -20.94 -0.83
CA GLU A 422 13.02 -19.73 -0.12
C GLU A 422 11.90 -19.09 0.68
N GLY A 423 10.69 -19.63 0.58
CA GLY A 423 9.59 -19.10 1.34
C GLY A 423 9.13 -17.74 0.92
N LYS A 424 9.30 -17.35 -0.36
CA LYS A 424 9.01 -15.98 -0.76
C LYS A 424 8.76 -15.85 -2.27
N ALA A 425 8.12 -14.76 -2.63
CA ALA A 425 8.02 -14.33 -4.02
C ALA A 425 8.97 -13.16 -4.24
N ASN A 426 9.62 -13.11 -5.40
CA ASN A 426 10.47 -12.00 -5.81
C ASN A 426 9.85 -11.32 -7.01
N PHE A 427 10.08 -10.01 -7.12
CA PHE A 427 9.88 -9.29 -8.36
C PHE A 427 11.24 -9.14 -9.02
N GLU A 428 11.35 -9.55 -10.28
CA GLU A 428 12.62 -9.52 -10.99
C GLU A 428 12.44 -9.10 -12.44
N LYS A 429 13.54 -8.64 -13.00
CA LYS A 429 13.66 -8.52 -14.44
C LYS A 429 14.25 -9.82 -14.98
N ASP A 430 13.62 -10.38 -16.01
CA ASP A 430 14.01 -11.62 -16.65
C ASP A 430 14.52 -11.34 -18.06
N GLY A 431 15.23 -12.31 -18.63
CA GLY A 431 15.76 -12.19 -19.98
C GLY A 431 17.08 -11.46 -20.04
N ASP A 432 17.27 -10.60 -21.03
CA ASP A 432 18.48 -9.80 -21.07
C ASP A 432 18.55 -8.85 -19.89
N ASP A 433 19.75 -8.66 -19.34
CA ASP A 433 19.95 -7.76 -18.20
C ASP A 433 19.12 -8.19 -16.99
N ALA A 434 18.95 -9.51 -16.83
CA ALA A 434 18.17 -10.03 -15.72
C ALA A 434 18.72 -9.51 -14.40
N LYS A 435 17.83 -9.24 -13.46
CA LYS A 435 18.26 -8.80 -12.15
C LYS A 435 17.13 -8.91 -11.13
N TYR A 436 17.50 -9.33 -9.93
CA TYR A 436 16.60 -9.33 -8.79
C TYR A 436 16.32 -7.90 -8.33
N LEU A 437 15.07 -7.63 -7.97
CA LEU A 437 14.66 -6.31 -7.51
C LEU A 437 14.24 -6.30 -6.04
N PHE A 438 13.21 -7.01 -5.62
CA PHE A 438 12.88 -7.11 -4.20
C PHE A 438 11.96 -8.31 -4.01
N ASP A 439 11.59 -8.57 -2.77
CA ASP A 439 10.89 -9.82 -2.44
C ASP A 439 9.80 -9.62 -1.40
N ASN A 440 9.09 -10.72 -1.13
CA ASN A 440 7.85 -10.73 -0.36
C ASN A 440 7.68 -12.13 0.24
N LYS A 441 8.10 -12.28 1.49
CA LYS A 441 7.92 -13.54 2.21
C LYS A 441 6.44 -13.84 2.45
N PHE A 442 6.08 -15.11 2.33
CA PHE A 442 4.72 -15.56 2.59
C PHE A 442 4.73 -17.05 2.86
N ASN A 443 3.65 -17.54 3.49
CA ASN A 443 3.58 -18.95 3.91
C ASN A 443 3.39 -19.84 2.70
N ILE A 444 4.27 -20.83 2.54
CA ILE A 444 4.29 -21.78 1.43
C ILE A 444 3.27 -22.86 1.74
N PRO A 445 2.45 -23.24 0.77
CA PRO A 445 1.41 -24.25 1.06
C PRO A 445 2.02 -25.61 1.24
N ALA A 446 1.53 -26.34 2.24
CA ALA A 446 2.04 -27.69 2.48
C ALA A 446 1.69 -28.65 1.36
N ASP A 447 0.54 -28.46 0.70
CA ASP A 447 0.10 -29.32 -0.39
C ASP A 447 0.59 -28.87 -1.74
N ASN A 448 1.50 -27.89 -1.78
CA ASN A 448 2.16 -27.43 -3.00
C ASN A 448 1.19 -26.87 -4.03
N GLU A 449 0.01 -26.40 -3.59
CA GLU A 449 -0.98 -25.82 -4.48
C GLU A 449 -1.09 -24.31 -4.27
N TYR A 450 -0.95 -23.54 -5.35
CA TYR A 450 -0.92 -22.08 -5.33
C TYR A 450 -2.12 -21.59 -6.14
N ARG A 451 -3.12 -21.05 -5.47
CA ARG A 451 -4.29 -20.44 -6.12
C ARG A 451 -4.01 -18.95 -6.29
N VAL A 452 -3.76 -18.55 -7.53
CA VAL A 452 -3.22 -17.24 -7.83
C VAL A 452 -4.32 -16.36 -8.39
N THR A 453 -4.38 -15.11 -7.96
CA THR A 453 -5.21 -14.11 -8.62
C THR A 453 -4.43 -12.82 -8.75
N ILE A 454 -4.48 -12.21 -9.93
CA ILE A 454 -3.77 -10.95 -10.18
C ILE A 454 -4.79 -9.95 -10.69
N TYR A 455 -4.85 -8.78 -10.04
CA TYR A 455 -5.76 -7.71 -10.46
C TYR A 455 -4.92 -6.53 -10.93
N SER A 456 -5.18 -6.04 -12.15
CA SER A 456 -4.37 -4.95 -12.70
C SER A 456 -5.24 -3.81 -13.22
N ASP A 457 -4.65 -2.63 -13.23
CA ASP A 457 -5.27 -1.39 -13.71
C ASP A 457 -4.15 -0.62 -14.41
N GLN A 458 -4.05 -0.80 -15.74
CA GLN A 458 -2.90 -0.29 -16.48
C GLN A 458 -1.59 -0.79 -15.86
N SER A 459 -0.75 0.10 -15.39
CA SER A 459 0.59 -0.22 -14.91
C SER A 459 0.64 -0.70 -13.47
N VAL A 460 -0.48 -0.78 -12.77
CA VAL A 460 -0.50 -1.15 -11.36
C VAL A 460 -1.19 -2.51 -11.19
N CYS A 461 -0.53 -3.42 -10.48
CA CYS A 461 -1.20 -4.69 -10.24
C CYS A 461 -0.84 -5.22 -8.87
N VAL A 462 -1.71 -6.06 -8.35
CA VAL A 462 -1.51 -6.74 -7.08
C VAL A 462 -1.73 -8.23 -7.35
N THR A 463 -0.78 -9.04 -6.91
CA THR A 463 -0.83 -10.49 -7.02
C THR A 463 -1.18 -11.09 -5.66
N TYR A 464 -2.19 -11.95 -5.63
CA TYR A 464 -2.62 -12.61 -4.41
C TYR A 464 -2.46 -14.12 -4.58
N ILE A 465 -1.98 -14.79 -3.52
CA ILE A 465 -1.86 -16.25 -3.52
C ILE A 465 -2.34 -16.84 -2.19
N ASN A 466 -3.34 -17.74 -2.24
CA ASN A 466 -3.77 -18.57 -1.11
C ASN A 466 -4.17 -17.78 0.15
N ASP A 467 -4.63 -16.54 -0.01
CA ASP A 467 -4.87 -15.64 1.12
C ASP A 467 -3.64 -15.45 2.01
N GLN A 468 -2.45 -15.60 1.44
CA GLN A 468 -1.19 -15.46 2.19
C GLN A 468 -0.31 -14.41 1.57
N LEU A 469 -0.10 -14.45 0.26
CA LEU A 469 0.73 -13.45 -0.42
C LEU A 469 -0.13 -12.31 -0.91
N SER A 470 0.32 -11.08 -0.68
CA SER A 470 -0.23 -9.87 -1.29
C SER A 470 0.95 -9.04 -1.79
N PHE A 471 1.10 -8.95 -3.12
CA PHE A 471 2.32 -8.40 -3.73
C PHE A 471 1.94 -7.34 -4.76
N THR A 472 2.00 -6.06 -4.37
CA THR A 472 1.77 -4.97 -5.29
C THR A 472 3.01 -4.74 -6.15
N ASN A 473 2.79 -4.47 -7.43
CA ASN A 473 3.90 -4.11 -8.30
C ASN A 473 3.49 -3.03 -9.28
N ARG A 474 4.47 -2.20 -9.67
CA ARG A 474 4.39 -1.33 -10.83
C ARG A 474 4.97 -2.08 -12.03
N ILE A 475 4.15 -2.37 -13.04
CA ILE A 475 4.60 -3.01 -14.26
C ILE A 475 4.06 -2.19 -15.41
N TYR A 476 4.81 -1.15 -15.81
CA TYR A 476 4.45 -0.39 -17.00
C TYR A 476 4.39 -1.33 -18.18
N GLN A 477 3.33 -1.18 -18.98
CA GLN A 477 3.11 -1.85 -20.25
C GLN A 477 2.74 -3.31 -20.08
N MET A 478 2.30 -3.73 -18.87
CA MET A 478 1.67 -5.05 -18.81
C MET A 478 0.37 -5.06 -19.60
N GLN A 479 -0.29 -3.91 -19.68
CA GLN A 479 -1.53 -3.85 -20.45
C GLN A 479 -1.24 -4.03 -21.95
N LYS A 480 -2.17 -4.71 -22.65
CA LYS A 480 -2.12 -4.88 -24.10
C LYS A 480 -0.89 -5.63 -24.54
N ASN A 481 -0.30 -6.43 -23.65
CA ASN A 481 0.84 -7.25 -23.99
C ASN A 481 0.63 -8.67 -23.49
N PRO A 482 1.30 -9.66 -24.08
CA PRO A 482 1.15 -11.04 -23.60
C PRO A 482 1.74 -11.21 -22.20
N TRP A 483 1.27 -12.27 -21.54
CA TRP A 483 1.76 -12.68 -20.22
C TRP A 483 2.10 -14.16 -20.29
N SER A 484 2.84 -14.64 -19.29
CA SER A 484 3.46 -15.95 -19.42
C SER A 484 3.60 -16.64 -18.06
N LEU A 485 3.67 -17.96 -18.08
CA LEU A 485 4.04 -18.75 -16.92
C LEU A 485 5.26 -19.58 -17.26
N CYS A 486 6.16 -19.77 -16.29
CA CYS A 486 7.34 -20.57 -16.55
C CYS A 486 7.74 -21.34 -15.30
N CYS A 487 8.56 -22.35 -15.52
CA CYS A 487 9.10 -23.12 -14.42
C CYS A 487 10.60 -22.94 -14.46
N TYR A 488 11.18 -22.43 -13.35
CA TYR A 488 12.61 -22.26 -13.23
C TYR A 488 13.30 -23.46 -12.60
N LYS A 489 12.63 -24.16 -11.70
CA LYS A 489 13.22 -25.28 -10.99
C LYS A 489 12.11 -26.26 -10.65
N GLY A 490 12.33 -27.53 -10.97
CA GLY A 490 11.34 -28.55 -10.71
C GLY A 490 10.33 -28.72 -11.83
N GLU A 491 9.07 -28.92 -11.45
CA GLU A 491 8.00 -29.15 -12.41
C GLU A 491 6.70 -28.58 -11.84
N ILE A 492 5.91 -27.94 -12.68
CA ILE A 492 4.63 -27.39 -12.27
C ILE A 492 3.54 -27.85 -13.23
N THR A 493 2.32 -27.93 -12.70
CA THR A 493 1.11 -28.15 -13.48
C THR A 493 0.20 -26.95 -13.28
N VAL A 494 -0.20 -26.34 -14.39
CA VAL A 494 -1.02 -25.14 -14.37
C VAL A 494 -2.45 -25.53 -14.77
N SER A 495 -3.42 -25.04 -14.02
CA SER A 495 -4.83 -25.43 -14.16
C SER A 495 -5.72 -24.19 -14.11
N ASP A 496 -6.91 -24.34 -14.69
CA ASP A 496 -8.00 -23.35 -14.49
C ASP A 496 -7.55 -21.92 -14.82
N VAL A 497 -6.86 -21.75 -15.94
CA VAL A 497 -6.43 -20.42 -16.34
C VAL A 497 -7.63 -19.62 -16.81
N GLN A 498 -7.82 -18.44 -16.25
CA GLN A 498 -8.88 -17.54 -16.71
C GLN A 498 -8.39 -16.11 -16.71
N VAL A 499 -8.99 -15.31 -17.59
CA VAL A 499 -8.70 -13.88 -17.67
C VAL A 499 -10.02 -13.15 -17.87
N SER A 500 -10.31 -12.18 -17.03
CA SER A 500 -11.48 -11.32 -17.17
C SER A 500 -11.02 -9.86 -17.25
N THR A 501 -11.84 -9.02 -17.87
CA THR A 501 -11.43 -7.67 -18.23
C THR A 501 -12.44 -6.63 -17.83
N TYR A 502 -12.01 -5.36 -17.89
CA TYR A 502 -12.88 -4.20 -17.66
C TYR A 502 -13.62 -3.79 -18.93
N HIS A 503 -12.89 -3.46 -19.98
CA HIS A 503 -13.49 -3.14 -21.26
C HIS A 503 -13.87 -4.42 -21.99
N HIS A 504 -15.11 -4.45 -22.48
CA HIS A 504 -15.77 -5.71 -22.84
C HIS A 504 -16.96 -5.44 -23.76
N HIS A 505 -16.99 -4.28 -24.42
CA HIS A 505 -18.17 -3.69 -25.00
C HIS A 505 -18.08 -3.90 -26.47
N HIS A 506 -18.12 -5.17 -26.85
CA HIS A 506 -17.89 -5.62 -28.22
C HIS A 506 -19.15 -6.32 -28.72
N HIS A 507 -19.88 -5.68 -29.63
CA HIS A 507 -21.14 -6.22 -30.13
C HIS A 507 -20.87 -7.27 -31.21
N HIS A 508 -21.40 -8.47 -31.01
CA HIS A 508 -21.15 -9.59 -31.91
C HIS A 508 -22.41 -10.40 -32.15
#